data_5ARK
#
_entry.id   5ARK
#
_cell.length_a   76.190
_cell.length_b   91.320
_cell.length_c   93.430
_cell.angle_alpha   90.00
_cell.angle_beta   90.00
_cell.angle_gamma   90.00
#
_symmetry.space_group_name_H-M   'P 21 21 21'
#
loop_
_entity.id
_entity.type
_entity.pdbx_description
1 polymer 'RIBONUCLEASE 4'
2 non-polymer "2'-DEOXYURIDINE 5'-MONOPHOSPHATE"
3 non-polymer 'PHOSPHATE ION'
4 water water
#
_entity_poly.entity_id   1
_entity_poly.type   'polypeptide(L)'
_entity_poly.pdbx_seq_one_letter_code
;MAHHHHHHVDDDDKMQDRMYQRFLRQHVDPDATGGNDAYCNLMMQRRKMTSHYCKRFNTFIHEDIWNIRSICSTSNIQCK
NGQMNCHEGVVKVTDCRETGSSRAPNCRYRAMASTRRVVIACEGNPEVPVHFDK
;
_entity_poly.pdbx_strand_id   A,B,C,D
#
# COMPACT_ATOMS: atom_id res chain seq x y z
N GLN A 16 -5.50 -9.36 -24.98
CA GLN A 16 -4.03 -9.54 -24.73
C GLN A 16 -3.74 -9.73 -23.21
N ASP A 17 -2.64 -9.13 -22.75
CA ASP A 17 -2.28 -9.09 -21.33
C ASP A 17 -3.41 -8.72 -20.34
N ARG A 18 -4.29 -7.80 -20.71
CA ARG A 18 -5.23 -7.19 -19.74
C ARG A 18 -6.19 -8.14 -19.02
N MET A 19 -6.67 -9.14 -19.73
CA MET A 19 -7.53 -10.17 -19.13
C MET A 19 -6.71 -11.13 -18.25
N TYR A 20 -5.53 -11.52 -18.73
CA TYR A 20 -4.59 -12.32 -17.94
C TYR A 20 -4.20 -11.60 -16.65
N GLN A 21 -3.96 -10.29 -16.76
CA GLN A 21 -3.59 -9.45 -15.62
C GLN A 21 -4.72 -9.35 -14.60
N ARG A 22 -5.94 -9.45 -15.10
CA ARG A 22 -7.11 -9.39 -14.25
C ARG A 22 -7.25 -10.73 -13.53
N PHE A 23 -6.85 -11.79 -14.21
CA PHE A 23 -6.89 -13.13 -13.63
C PHE A 23 -5.91 -13.24 -12.47
N LEU A 24 -4.69 -12.75 -12.65
CA LEU A 24 -3.70 -12.76 -11.57
C LEU A 24 -4.18 -11.96 -10.38
N ARG A 25 -4.58 -10.73 -10.64
CA ARG A 25 -5.09 -9.83 -9.60
C ARG A 25 -6.23 -10.47 -8.81
N GLN A 26 -7.21 -11.03 -9.50
CA GLN A 26 -8.42 -11.56 -8.86
C GLN A 26 -8.22 -12.92 -8.20
N HIS A 27 -7.41 -13.78 -8.81
CA HIS A 27 -7.40 -15.20 -8.45
C HIS A 27 -6.08 -15.83 -8.10
N VAL A 28 -4.98 -15.07 -8.05
CA VAL A 28 -3.68 -15.75 -7.86
C VAL A 28 -2.85 -15.13 -6.75
N ASP A 29 -2.50 -15.97 -5.76
CA ASP A 29 -1.73 -15.56 -4.60
C ASP A 29 -0.86 -16.71 -4.12
N PRO A 30 0.26 -16.94 -4.81
CA PRO A 30 1.06 -18.19 -4.68
C PRO A 30 1.63 -18.55 -3.33
N ASP A 31 2.15 -17.57 -2.61
CA ASP A 31 2.88 -17.84 -1.37
C ASP A 31 2.06 -17.68 -0.09
N ALA A 32 0.77 -17.41 -0.21
CA ALA A 32 -0.11 -17.33 0.94
C ALA A 32 -0.60 -18.70 1.33
N THR A 33 -0.65 -18.95 2.63
CA THR A 33 -1.36 -20.09 3.15
C THR A 33 -2.87 -19.81 3.17
N GLY A 34 -3.25 -18.55 3.35
CA GLY A 34 -4.65 -18.10 3.35
C GLY A 34 -5.51 -18.92 4.27
N GLY A 35 -6.78 -19.07 3.94
CA GLY A 35 -7.65 -20.01 4.65
C GLY A 35 -8.32 -19.56 5.94
N ASN A 36 -8.39 -18.25 6.16
CA ASN A 36 -9.12 -17.67 7.32
C ASN A 36 -9.77 -16.37 6.89
N ASP A 37 -10.73 -15.88 7.69
CA ASP A 37 -11.53 -14.70 7.28
C ASP A 37 -10.71 -13.39 7.16
N ALA A 38 -9.77 -13.17 8.07
CA ALA A 38 -8.90 -11.99 8.01
C ALA A 38 -8.15 -11.92 6.67
N TYR A 39 -7.73 -13.07 6.16
CA TYR A 39 -7.15 -13.16 4.84
C TYR A 39 -8.09 -12.67 3.76
N CYS A 40 -9.29 -13.25 3.68
CA CYS A 40 -10.28 -12.82 2.66
C CYS A 40 -10.61 -11.33 2.83
N ASN A 41 -10.92 -10.94 4.07
CA ASN A 41 -11.23 -9.56 4.37
C ASN A 41 -10.11 -8.60 3.89
N LEU A 42 -8.86 -8.92 4.23
CA LEU A 42 -7.71 -8.16 3.71
C LEU A 42 -7.54 -8.24 2.19
N MET A 43 -7.49 -9.43 1.63
CA MET A 43 -7.13 -9.55 0.20
C MET A 43 -8.22 -9.12 -0.76
N MET A 44 -9.48 -9.33 -0.39
CA MET A 44 -10.59 -8.85 -1.22
C MET A 44 -10.57 -7.32 -1.40
N GLN A 45 -10.21 -6.57 -0.37
CA GLN A 45 -10.04 -5.13 -0.60
C GLN A 45 -8.71 -4.82 -1.30
N ARG A 46 -7.59 -5.42 -0.88
CA ARG A 46 -6.28 -5.06 -1.51
C ARG A 46 -6.30 -5.29 -3.00
N ARG A 47 -7.01 -6.33 -3.46
CA ARG A 47 -7.05 -6.72 -4.89
C ARG A 47 -8.25 -6.14 -5.68
N LYS A 48 -8.91 -5.13 -5.09
CA LYS A 48 -9.84 -4.23 -5.80
C LYS A 48 -11.15 -4.93 -6.20
N MET A 49 -11.72 -5.72 -5.28
CA MET A 49 -12.97 -6.41 -5.55
C MET A 49 -14.02 -5.95 -4.53
N THR A 50 -13.72 -4.81 -3.91
CA THR A 50 -14.51 -4.23 -2.84
C THR A 50 -14.91 -2.78 -3.20
N SER A 51 -14.55 -2.29 -4.38
CA SER A 51 -14.87 -0.91 -4.78
C SER A 51 -16.35 -0.79 -5.17
N HIS A 52 -17.03 0.19 -4.58
CA HIS A 52 -18.45 0.47 -4.86
C HIS A 52 -19.44 -0.63 -4.35
N TYR A 53 -19.18 -1.90 -4.70
CA TYR A 53 -19.95 -3.03 -4.13
C TYR A 53 -19.06 -4.23 -3.74
N CYS A 54 -19.59 -5.07 -2.83
CA CYS A 54 -18.90 -6.28 -2.41
C CYS A 54 -19.10 -7.40 -3.42
N LYS A 55 -18.00 -7.96 -3.94
CA LYS A 55 -18.07 -9.17 -4.74
C LYS A 55 -18.47 -10.31 -3.83
N ARG A 56 -19.47 -11.08 -4.24
CA ARG A 56 -20.09 -12.06 -3.35
C ARG A 56 -19.21 -13.29 -3.15
N PHE A 57 -18.57 -13.75 -4.21
CA PHE A 57 -17.77 -14.97 -4.15
C PHE A 57 -16.49 -14.79 -4.94
N ASN A 58 -15.38 -15.25 -4.40
CA ASN A 58 -14.09 -15.27 -5.12
C ASN A 58 -13.14 -16.34 -4.63
N THR A 59 -12.39 -16.87 -5.57
CA THR A 59 -11.38 -17.89 -5.30
C THR A 59 -9.94 -17.38 -5.52
N PHE A 60 -9.13 -17.48 -4.46
CA PHE A 60 -7.69 -17.23 -4.56
C PHE A 60 -6.95 -18.55 -4.67
N ILE A 61 -6.19 -18.73 -5.75
CA ILE A 61 -5.40 -19.95 -5.99
C ILE A 61 -4.01 -19.78 -5.40
N HIS A 62 -3.64 -20.67 -4.48
CA HIS A 62 -2.36 -20.64 -3.85
C HIS A 62 -1.46 -21.61 -4.62
N GLU A 63 -0.97 -21.18 -5.78
CA GLU A 63 -0.14 -22.03 -6.65
C GLU A 63 0.82 -21.21 -7.49
N ASP A 64 1.99 -21.77 -7.80
CA ASP A 64 2.97 -21.06 -8.63
C ASP A 64 2.32 -20.77 -9.97
N ILE A 65 2.52 -19.54 -10.44
CA ILE A 65 1.90 -19.05 -11.66
C ILE A 65 2.18 -19.93 -12.88
N TRP A 66 3.37 -20.49 -12.98
CA TRP A 66 3.72 -21.29 -14.14
C TRP A 66 3.05 -22.65 -14.05
N ASN A 67 2.90 -23.14 -12.82
CA ASN A 67 2.14 -24.37 -12.59
C ASN A 67 0.71 -24.16 -13.02
N ILE A 68 0.14 -23.00 -12.68
CA ILE A 68 -1.23 -22.68 -13.05
C ILE A 68 -1.34 -22.61 -14.57
N ARG A 69 -0.42 -21.89 -15.19
CA ARG A 69 -0.41 -21.80 -16.65
C ARG A 69 -0.29 -23.17 -17.32
N SER A 70 0.46 -24.08 -16.69
CA SER A 70 0.54 -25.46 -17.20
C SER A 70 -0.82 -26.14 -17.37
N ILE A 71 -1.83 -25.75 -16.59
CA ILE A 71 -3.19 -26.32 -16.71
C ILE A 71 -3.80 -26.01 -18.09
N CYS A 72 -3.39 -24.92 -18.73
CA CYS A 72 -3.92 -24.57 -20.05
C CYS A 72 -3.55 -25.60 -21.11
N SER A 73 -2.47 -26.35 -20.89
CA SER A 73 -1.97 -27.31 -21.87
C SER A 73 -2.56 -28.70 -21.75
N THR A 74 -3.49 -28.91 -20.81
CA THR A 74 -4.19 -30.20 -20.69
C THR A 74 -5.40 -30.22 -21.63
N SER A 75 -6.01 -31.40 -21.77
CA SER A 75 -7.13 -31.63 -22.70
C SER A 75 -8.27 -30.64 -22.51
N ASN A 76 -8.91 -30.25 -23.60
CA ASN A 76 -10.07 -29.36 -23.55
C ASN A 76 -11.27 -30.05 -22.90
N ILE A 77 -12.01 -29.29 -22.11
CA ILE A 77 -13.31 -29.72 -21.59
C ILE A 77 -14.24 -28.53 -21.74
N GLN A 78 -15.52 -28.70 -21.39
CA GLN A 78 -16.55 -27.68 -21.62
C GLN A 78 -16.62 -26.66 -20.48
N CYS A 79 -16.70 -25.38 -20.86
CA CYS A 79 -16.91 -24.29 -19.92
C CYS A 79 -18.38 -24.22 -19.52
N LYS A 80 -18.65 -23.51 -18.44
CA LYS A 80 -20.00 -23.30 -17.92
C LYS A 80 -20.89 -22.72 -19.04
N ASN A 81 -20.40 -21.67 -19.70
CA ASN A 81 -21.16 -20.95 -20.74
C ASN A 81 -21.32 -21.68 -22.08
N GLY A 82 -20.66 -22.82 -22.26
CA GLY A 82 -20.84 -23.63 -23.46
C GLY A 82 -19.55 -23.90 -24.19
N GLN A 83 -18.65 -22.92 -24.19
CA GLN A 83 -17.44 -23.00 -25.02
C GLN A 83 -16.52 -24.15 -24.62
N MET A 84 -15.52 -24.45 -25.44
CA MET A 84 -14.63 -25.61 -25.23
C MET A 84 -13.16 -25.23 -24.96
N ASN A 85 -12.91 -24.02 -24.46
CA ASN A 85 -11.55 -23.64 -24.10
C ASN A 85 -11.28 -23.69 -22.58
N CYS A 86 -11.94 -24.60 -21.86
CA CYS A 86 -11.71 -24.75 -20.41
C CYS A 86 -10.79 -25.93 -20.06
N HIS A 87 -10.12 -25.85 -18.92
CA HIS A 87 -9.19 -26.89 -18.48
C HIS A 87 -9.28 -27.10 -16.98
N GLU A 88 -9.06 -28.33 -16.53
CA GLU A 88 -9.15 -28.63 -15.11
C GLU A 88 -7.80 -28.96 -14.50
N GLY A 89 -7.63 -28.55 -13.25
CA GLY A 89 -6.47 -28.91 -12.45
C GLY A 89 -6.90 -28.95 -11.01
N VAL A 90 -6.10 -29.56 -10.16
CA VAL A 90 -6.33 -29.55 -8.72
C VAL A 90 -5.28 -28.67 -8.04
N VAL A 91 -5.75 -27.68 -7.27
CA VAL A 91 -4.90 -26.67 -6.64
C VAL A 91 -5.43 -26.27 -5.28
N LYS A 92 -4.53 -25.79 -4.42
CA LYS A 92 -4.90 -25.27 -3.10
C LYS A 92 -5.54 -23.93 -3.35
N VAL A 93 -6.66 -23.67 -2.71
CA VAL A 93 -7.33 -22.38 -2.84
C VAL A 93 -7.83 -21.89 -1.50
N THR A 94 -8.24 -20.63 -1.48
CA THR A 94 -9.09 -20.09 -0.43
C THR A 94 -10.29 -19.56 -1.16
N ASP A 95 -11.48 -20.09 -0.87
CA ASP A 95 -12.70 -19.52 -1.42
C ASP A 95 -13.23 -18.53 -0.40
N CYS A 96 -13.68 -17.37 -0.88
CA CYS A 96 -14.17 -16.30 -0.04
C CYS A 96 -15.62 -15.97 -0.41
N ARG A 97 -16.54 -16.10 0.56
CA ARG A 97 -17.98 -15.84 0.35
C ARG A 97 -18.48 -14.71 1.27
N GLU A 98 -19.17 -13.72 0.70
CA GLU A 98 -19.68 -12.58 1.50
C GLU A 98 -20.60 -13.06 2.63
N THR A 99 -20.55 -12.40 3.78
CA THR A 99 -21.27 -12.86 4.98
C THR A 99 -22.74 -12.40 5.05
N GLY A 100 -23.10 -11.35 4.32
CA GLY A 100 -24.53 -10.95 4.28
C GLY A 100 -24.89 -9.90 5.30
N SER A 101 -24.32 -10.00 6.51
CA SER A 101 -24.20 -8.83 7.39
C SER A 101 -23.39 -7.78 6.63
N SER A 102 -22.33 -8.24 5.98
CA SER A 102 -21.44 -7.40 5.18
C SER A 102 -22.18 -6.35 4.37
N ARG A 103 -21.73 -5.11 4.45
CA ARG A 103 -22.23 -4.08 3.56
C ARG A 103 -21.11 -3.16 3.11
N ALA A 104 -21.08 -2.88 1.82
CA ALA A 104 -20.09 -1.99 1.25
C ALA A 104 -20.10 -0.67 2.02
N PRO A 105 -18.98 0.06 2.02
CA PRO A 105 -17.72 -0.37 1.43
C PRO A 105 -16.91 -1.28 2.34
N ASN A 106 -17.45 -1.59 3.53
CA ASN A 106 -16.77 -2.43 4.52
C ASN A 106 -17.11 -3.92 4.34
N CYS A 107 -16.67 -4.50 3.23
CA CYS A 107 -17.01 -5.88 2.88
C CYS A 107 -16.44 -6.94 3.84
N ARG A 108 -17.25 -7.94 4.17
CA ARG A 108 -16.81 -9.02 5.07
C ARG A 108 -17.14 -10.39 4.45
N TYR A 109 -16.28 -11.37 4.75
CA TYR A 109 -16.24 -12.64 4.03
C TYR A 109 -15.99 -13.80 4.99
N ARG A 110 -16.47 -14.98 4.60
CA ARG A 110 -16.10 -16.22 5.27
C ARG A 110 -15.12 -17.00 4.35
N ALA A 111 -14.07 -17.57 4.94
CA ALA A 111 -13.05 -18.31 4.19
C ALA A 111 -13.27 -19.81 4.27
N MET A 112 -13.12 -20.49 3.13
CA MET A 112 -13.00 -21.95 3.10
C MET A 112 -11.71 -22.34 2.42
N ALA A 113 -10.86 -23.02 3.16
CA ALA A 113 -9.58 -23.52 2.69
C ALA A 113 -9.73 -24.97 2.25
N SER A 114 -9.24 -25.27 1.05
CA SER A 114 -9.20 -26.65 0.58
C SER A 114 -8.31 -26.83 -0.64
N THR A 115 -7.87 -28.07 -0.87
CA THR A 115 -7.30 -28.44 -2.17
C THR A 115 -8.36 -29.04 -3.05
N ARG A 116 -8.57 -28.48 -4.24
CA ARG A 116 -9.73 -28.87 -5.01
C ARG A 116 -9.57 -28.66 -6.51
N ARG A 117 -10.52 -29.21 -7.25
CA ARG A 117 -10.52 -29.16 -8.69
C ARG A 117 -11.06 -27.81 -9.06
N VAL A 118 -10.35 -27.13 -9.95
CA VAL A 118 -10.81 -25.87 -10.51
C VAL A 118 -10.82 -26.03 -12.01
N VAL A 119 -11.60 -25.16 -12.65
CA VAL A 119 -11.71 -25.14 -14.09
C VAL A 119 -11.42 -23.72 -14.55
N ILE A 120 -10.52 -23.58 -15.53
CA ILE A 120 -10.15 -22.26 -16.03
C ILE A 120 -10.24 -22.22 -17.54
N ALA A 121 -10.62 -21.05 -18.04
CA ALA A 121 -10.62 -20.77 -19.46
C ALA A 121 -9.28 -20.14 -19.80
N CYS A 122 -8.67 -20.63 -20.87
CA CYS A 122 -7.45 -20.07 -21.43
C CYS A 122 -7.67 -19.57 -22.89
N GLU A 123 -6.90 -18.56 -23.28
CA GLU A 123 -6.91 -17.98 -24.65
C GLU A 123 -5.53 -17.39 -24.97
N GLY A 124 -5.19 -17.34 -26.27
CA GLY A 124 -3.99 -16.61 -26.74
C GLY A 124 -2.83 -17.53 -27.10
N ASN A 125 -1.75 -16.94 -27.63
CA ASN A 125 -0.52 -17.69 -27.95
C ASN A 125 0.71 -17.06 -27.28
N PRO A 126 1.28 -17.72 -26.27
CA PRO A 126 0.83 -19.04 -25.79
C PRO A 126 -0.46 -18.95 -24.96
N GLU A 127 -1.07 -20.09 -24.66
CA GLU A 127 -2.36 -20.10 -23.94
C GLU A 127 -2.17 -19.62 -22.50
N VAL A 128 -2.97 -18.64 -22.08
CA VAL A 128 -2.90 -18.15 -20.69
C VAL A 128 -4.28 -18.08 -20.07
N PRO A 129 -4.36 -18.30 -18.73
CA PRO A 129 -5.64 -18.22 -18.05
C PRO A 129 -6.31 -16.86 -18.19
N VAL A 130 -7.61 -16.85 -18.48
CA VAL A 130 -8.35 -15.62 -18.71
C VAL A 130 -9.65 -15.52 -17.88
N HIS A 131 -10.27 -16.63 -17.54
CA HIS A 131 -11.46 -16.60 -16.67
C HIS A 131 -11.41 -17.79 -15.70
N PHE A 132 -11.75 -17.54 -14.44
CA PHE A 132 -11.90 -18.62 -13.44
C PHE A 132 -13.30 -19.21 -13.60
N ASP A 133 -13.40 -20.37 -14.23
CA ASP A 133 -14.71 -20.91 -14.54
C ASP A 133 -15.41 -21.47 -13.32
N LYS A 134 -14.77 -22.38 -12.60
CA LYS A 134 -15.41 -23.16 -11.54
C LYS A 134 -14.40 -23.59 -10.47
N GLN B 16 -4.77 10.31 -13.20
CA GLN B 16 -4.13 10.42 -14.54
C GLN B 16 -3.76 11.86 -14.90
N ASP B 17 -4.71 12.80 -14.75
CA ASP B 17 -4.43 14.19 -15.15
C ASP B 17 -3.43 14.89 -14.23
N ARG B 18 -3.58 14.74 -12.92
CA ARG B 18 -2.62 15.29 -11.96
C ARG B 18 -1.21 14.76 -12.24
N MET B 19 -1.12 13.45 -12.40
CA MET B 19 0.14 12.78 -12.65
C MET B 19 0.69 13.21 -14.00
N TYR B 20 -0.17 13.30 -14.99
CA TYR B 20 0.20 13.76 -16.32
C TYR B 20 0.73 15.20 -16.31
N GLN B 21 0.08 16.09 -15.56
CA GLN B 21 0.53 17.49 -15.45
C GLN B 21 1.82 17.61 -14.66
N ARG B 22 2.03 16.65 -13.76
CA ARG B 22 3.23 16.58 -12.97
C ARG B 22 4.35 16.12 -13.90
N PHE B 23 4.03 15.18 -14.79
CA PHE B 23 5.01 14.77 -15.80
C PHE B 23 5.42 15.96 -16.69
N LEU B 24 4.47 16.77 -17.11
CA LEU B 24 4.82 17.95 -17.90
C LEU B 24 5.76 18.84 -17.10
N ARG B 25 5.34 19.20 -15.89
CA ARG B 25 6.11 20.10 -15.02
C ARG B 25 7.56 19.61 -14.83
N GLN B 26 7.72 18.34 -14.49
CA GLN B 26 9.06 17.81 -14.18
C GLN B 26 9.92 17.57 -15.40
N HIS B 27 9.33 17.15 -16.53
CA HIS B 27 10.15 16.57 -17.59
C HIS B 27 10.00 17.13 -19.00
N VAL B 28 9.18 18.16 -19.18
CA VAL B 28 8.86 18.60 -20.51
C VAL B 28 9.10 20.10 -20.73
N ASP B 29 9.91 20.39 -21.76
CA ASP B 29 10.21 21.77 -22.11
C ASP B 29 10.57 21.81 -23.60
N PRO B 30 9.54 21.72 -24.47
CA PRO B 30 9.77 21.44 -25.89
C PRO B 30 10.75 22.39 -26.62
N ASP B 31 10.62 23.68 -26.37
CA ASP B 31 11.29 24.70 -27.20
C ASP B 31 12.60 25.25 -26.66
N ALA B 32 13.07 24.77 -25.50
CA ALA B 32 14.36 25.25 -24.96
C ALA B 32 15.51 24.50 -25.57
N THR B 33 16.61 25.18 -25.88
CA THR B 33 17.81 24.45 -26.30
C THR B 33 18.48 23.79 -25.09
N GLY B 34 18.32 24.37 -23.90
CA GLY B 34 18.87 23.80 -22.66
C GLY B 34 20.35 23.52 -22.70
N GLY B 35 20.79 22.52 -21.96
CA GLY B 35 22.19 22.06 -22.04
C GLY B 35 23.27 22.91 -21.37
N ASN B 36 22.90 23.90 -20.56
CA ASN B 36 23.90 24.63 -19.80
C ASN B 36 23.51 24.65 -18.33
N ASP B 37 24.51 24.73 -17.46
CA ASP B 37 24.30 24.73 -16.00
C ASP B 37 23.25 25.74 -15.58
N ALA B 38 23.25 26.91 -16.21
CA ALA B 38 22.33 27.99 -15.84
C ALA B 38 20.87 27.63 -16.16
N TYR B 39 20.67 26.86 -17.23
CA TYR B 39 19.35 26.38 -17.59
C TYR B 39 18.79 25.55 -16.41
N CYS B 40 19.59 24.59 -15.97
CA CYS B 40 19.17 23.68 -14.92
C CYS B 40 18.87 24.45 -13.65
N ASN B 41 19.79 25.32 -13.24
CA ASN B 41 19.57 26.10 -12.02
C ASN B 41 18.29 26.86 -12.07
N LEU B 42 18.00 27.43 -13.23
CA LEU B 42 16.75 28.18 -13.37
C LEU B 42 15.53 27.27 -13.42
N MET B 43 15.52 26.27 -14.29
CA MET B 43 14.30 25.48 -14.45
C MET B 43 13.97 24.59 -13.24
N MET B 44 14.98 23.98 -12.64
CA MET B 44 14.76 23.16 -11.44
C MET B 44 14.04 23.96 -10.34
N GLN B 45 14.29 25.27 -10.28
CA GLN B 45 13.56 26.13 -9.35
C GLN B 45 12.16 26.52 -9.81
N ARG B 46 12.03 26.94 -11.07
CA ARG B 46 10.74 27.40 -11.58
C ARG B 46 9.77 26.27 -11.65
N ARG B 47 10.26 25.06 -11.90
CA ARG B 47 9.40 23.87 -11.99
C ARG B 47 9.21 23.13 -10.63
N LYS B 48 9.49 23.83 -9.52
CA LYS B 48 9.17 23.37 -8.14
C LYS B 48 9.90 22.09 -7.67
N MET B 49 11.17 21.95 -8.02
CA MET B 49 11.97 20.76 -7.69
C MET B 49 13.16 21.18 -6.82
N THR B 50 13.04 22.33 -6.17
CA THR B 50 13.96 22.79 -5.13
C THR B 50 13.21 23.29 -3.88
N SER B 51 11.91 23.07 -3.82
CA SER B 51 11.08 23.65 -2.75
C SER B 51 11.62 23.30 -1.36
N HIS B 52 11.59 22.02 -1.00
CA HIS B 52 12.04 21.61 0.34
C HIS B 52 13.45 21.05 0.37
N TYR B 53 13.89 20.46 -0.73
CA TYR B 53 15.27 19.99 -0.84
C TYR B 53 15.68 20.18 -2.28
N CYS B 54 16.95 20.04 -2.59
CA CYS B 54 17.36 20.07 -3.99
C CYS B 54 17.20 18.67 -4.54
N LYS B 55 16.37 18.53 -5.58
CA LYS B 55 16.23 17.24 -6.26
C LYS B 55 17.55 16.96 -6.95
N ARG B 56 18.16 15.83 -6.63
CA ARG B 56 19.55 15.57 -7.01
C ARG B 56 19.77 15.37 -8.48
N PHE B 57 18.74 14.87 -9.17
CA PHE B 57 18.85 14.61 -10.58
C PHE B 57 17.48 14.78 -11.22
N ASN B 58 17.48 15.12 -12.51
CA ASN B 58 16.25 15.28 -13.26
C ASN B 58 16.56 15.40 -14.75
N THR B 59 15.59 15.01 -15.57
CA THR B 59 15.74 15.01 -17.00
C THR B 59 14.64 15.85 -17.57
N PHE B 60 15.03 16.83 -18.38
CA PHE B 60 14.08 17.65 -19.14
C PHE B 60 14.10 17.17 -20.58
N ILE B 61 12.92 16.89 -21.14
CA ILE B 61 12.77 16.47 -22.54
C ILE B 61 12.48 17.66 -23.45
N HIS B 62 13.30 17.82 -24.48
CA HIS B 62 13.12 18.90 -25.44
C HIS B 62 12.45 18.34 -26.68
N GLU B 63 11.16 18.05 -26.54
CA GLU B 63 10.33 17.54 -27.65
C GLU B 63 8.92 18.07 -27.54
N ASP B 64 8.26 18.18 -28.68
CA ASP B 64 6.83 18.49 -28.79
C ASP B 64 6.02 17.50 -27.96
N ILE B 65 5.01 17.97 -27.24
CA ILE B 65 4.15 17.14 -26.36
C ILE B 65 3.48 15.94 -27.07
N TRP B 66 3.10 16.10 -28.31
CA TRP B 66 2.46 15.01 -29.05
C TRP B 66 3.44 13.99 -29.60
N ASN B 67 4.68 14.38 -29.82
CA ASN B 67 5.72 13.41 -30.13
C ASN B 67 6.05 12.54 -28.94
N ILE B 68 6.04 13.14 -27.75
CA ILE B 68 6.29 12.40 -26.50
C ILE B 68 5.11 11.46 -26.25
N ARG B 69 3.90 11.96 -26.44
CA ARG B 69 2.73 11.09 -26.23
C ARG B 69 2.66 9.89 -27.15
N SER B 70 3.20 9.99 -28.37
CA SER B 70 3.17 8.85 -29.29
C SER B 70 4.08 7.71 -28.85
N ILE B 71 5.09 8.01 -28.05
CA ILE B 71 5.95 6.94 -27.50
C ILE B 71 5.10 5.98 -26.66
N CYS B 72 4.01 6.46 -26.06
CA CYS B 72 3.06 5.61 -25.33
C CYS B 72 2.37 4.55 -26.17
N SER B 73 2.41 4.69 -27.49
CA SER B 73 1.82 3.71 -28.41
C SER B 73 2.82 2.69 -28.93
N THR B 74 4.10 2.82 -28.59
CA THR B 74 5.09 1.80 -28.93
C THR B 74 4.92 0.53 -28.08
N SER B 75 5.71 -0.49 -28.43
CA SER B 75 5.69 -1.79 -27.76
C SER B 75 5.92 -1.66 -26.26
N ASN B 76 5.06 -2.33 -25.49
CA ASN B 76 5.22 -2.38 -24.03
C ASN B 76 6.54 -3.06 -23.68
N ILE B 77 7.30 -2.45 -22.79
CA ILE B 77 8.50 -3.05 -22.20
C ILE B 77 8.43 -2.94 -20.67
N GLN B 78 9.33 -3.65 -20.00
CA GLN B 78 9.33 -3.76 -18.56
C GLN B 78 9.89 -2.50 -17.91
N CYS B 79 9.14 -1.94 -16.97
CA CYS B 79 9.62 -0.86 -16.11
C CYS B 79 10.62 -1.44 -15.10
N LYS B 80 11.47 -0.59 -14.53
CA LYS B 80 12.39 -1.01 -13.44
C LYS B 80 11.66 -1.74 -12.30
N ASN B 81 10.43 -1.30 -12.02
CA ASN B 81 9.66 -1.85 -10.92
C ASN B 81 8.87 -3.13 -11.26
N GLY B 82 9.18 -3.81 -12.37
CA GLY B 82 8.47 -5.03 -12.73
C GLY B 82 7.23 -4.90 -13.61
N GLN B 83 6.45 -3.83 -13.43
CA GLN B 83 5.26 -3.59 -14.30
C GLN B 83 5.63 -3.50 -15.78
N MET B 84 4.62 -3.76 -16.63
CA MET B 84 4.82 -3.82 -18.08
C MET B 84 4.08 -2.68 -18.82
N ASN B 85 3.95 -1.52 -18.21
CA ASN B 85 3.39 -0.36 -18.89
C ASN B 85 4.47 0.68 -19.25
N CYS B 86 5.70 0.24 -19.48
CA CYS B 86 6.72 1.19 -19.92
C CYS B 86 6.88 1.18 -21.45
N HIS B 87 7.53 2.22 -21.96
CA HIS B 87 7.73 2.41 -23.40
C HIS B 87 8.99 3.21 -23.64
N GLU B 88 9.75 2.81 -24.66
CA GLU B 88 11.01 3.44 -25.01
C GLU B 88 10.87 4.30 -26.27
N GLY B 89 11.69 5.33 -26.34
CA GLY B 89 11.72 6.29 -27.45
C GLY B 89 13.03 7.04 -27.35
N VAL B 90 13.43 7.71 -28.42
CA VAL B 90 14.67 8.50 -28.46
C VAL B 90 14.34 9.98 -28.57
N VAL B 91 14.90 10.79 -27.67
CA VAL B 91 14.57 12.21 -27.57
C VAL B 91 15.78 13.05 -27.18
N LYS B 92 15.73 14.33 -27.55
CA LYS B 92 16.77 15.28 -27.15
C LYS B 92 16.44 15.68 -25.73
N VAL B 93 17.43 15.70 -24.83
CA VAL B 93 17.13 16.06 -23.45
C VAL B 93 18.26 16.88 -22.85
N THR B 94 17.99 17.47 -21.68
CA THR B 94 19.04 17.94 -20.78
C THR B 94 18.95 17.20 -19.43
N ASP B 95 20.03 16.53 -19.07
CA ASP B 95 20.12 15.82 -17.80
C ASP B 95 20.83 16.73 -16.82
N CYS B 96 20.19 16.95 -15.65
CA CYS B 96 20.69 17.86 -14.60
C CYS B 96 21.08 17.08 -13.33
N ARG B 97 22.27 17.38 -12.78
CA ARG B 97 22.83 16.66 -11.65
C ARG B 97 23.35 17.65 -10.64
N GLU B 98 22.85 17.59 -9.41
CA GLU B 98 23.30 18.49 -8.35
C GLU B 98 24.81 18.46 -8.27
N THR B 99 25.39 19.64 -8.07
CA THR B 99 26.84 19.80 -8.14
C THR B 99 27.61 19.21 -6.94
N GLY B 100 26.98 19.09 -5.78
CA GLY B 100 27.66 18.46 -4.64
C GLY B 100 28.29 19.47 -3.68
N SER B 101 28.66 20.64 -4.19
CA SER B 101 28.85 21.83 -3.37
C SER B 101 27.51 22.50 -3.07
N SER B 102 26.50 22.19 -3.88
CA SER B 102 25.16 22.77 -3.76
C SER B 102 24.58 22.51 -2.39
N ARG B 103 23.84 23.48 -1.86
CA ARG B 103 23.18 23.37 -0.55
C ARG B 103 21.89 24.14 -0.59
N ALA B 104 20.81 23.52 -0.14
CA ALA B 104 19.51 24.21 -0.08
C ALA B 104 19.64 25.48 0.75
N PRO B 105 18.95 26.56 0.40
CA PRO B 105 18.04 26.62 -0.75
C PRO B 105 18.68 27.25 -1.99
N ASN B 106 20.01 27.22 -2.08
CA ASN B 106 20.74 27.77 -3.22
C ASN B 106 21.22 26.62 -4.08
N CYS B 107 20.26 25.94 -4.71
CA CYS B 107 20.52 24.68 -5.40
C CYS B 107 21.28 24.97 -6.70
N ARG B 108 22.26 24.13 -7.03
CA ARG B 108 23.14 24.34 -8.16
C ARG B 108 23.35 23.01 -8.86
N TYR B 109 23.37 23.06 -10.20
CA TYR B 109 23.42 21.86 -11.04
C TYR B 109 24.46 21.93 -12.15
N ARG B 110 24.93 20.75 -12.59
CA ARG B 110 25.61 20.59 -13.88
C ARG B 110 24.62 20.05 -14.92
N ALA B 111 24.67 20.64 -16.11
CA ALA B 111 23.85 20.22 -17.25
C ALA B 111 24.63 19.32 -18.17
N MET B 112 24.01 18.26 -18.67
CA MET B 112 24.59 17.39 -19.71
C MET B 112 23.52 17.13 -20.80
N ALA B 113 23.72 17.72 -21.97
CA ALA B 113 22.75 17.63 -23.08
C ALA B 113 23.08 16.47 -24.00
N SER B 114 22.07 15.74 -24.45
CA SER B 114 22.28 14.62 -25.37
C SER B 114 20.98 14.22 -26.07
N THR B 115 21.09 13.40 -27.09
CA THR B 115 19.92 12.78 -27.71
C THR B 115 20.04 11.30 -27.36
N ARG B 116 19.05 10.77 -26.64
CA ARG B 116 19.23 9.45 -26.04
C ARG B 116 17.93 8.70 -25.78
N ARG B 117 18.06 7.41 -25.53
CA ARG B 117 16.95 6.54 -25.15
C ARG B 117 16.42 6.91 -23.78
N VAL B 118 15.10 7.06 -23.70
CA VAL B 118 14.40 7.22 -22.44
C VAL B 118 13.30 6.18 -22.38
N VAL B 119 12.91 5.79 -21.17
CA VAL B 119 11.83 4.85 -20.93
C VAL B 119 10.83 5.59 -20.05
N ILE B 120 9.56 5.60 -20.45
CA ILE B 120 8.48 6.29 -19.73
C ILE B 120 7.35 5.30 -19.44
N ALA B 121 6.65 5.51 -18.33
CA ALA B 121 5.48 4.73 -17.96
C ALA B 121 4.25 5.50 -18.35
N CYS B 122 3.31 4.83 -19.02
CA CYS B 122 2.11 5.50 -19.49
C CYS B 122 0.88 4.86 -18.86
N GLU B 123 -0.11 5.68 -18.53
CA GLU B 123 -1.42 5.24 -18.03
C GLU B 123 -2.53 6.02 -18.71
N GLY B 124 -3.73 5.44 -18.70
CA GLY B 124 -4.96 6.16 -19.05
C GLY B 124 -5.56 5.75 -20.38
N ASN B 125 -6.65 6.42 -20.74
CA ASN B 125 -7.34 6.19 -22.02
C ASN B 125 -7.79 7.54 -22.59
N PRO B 126 -7.10 8.05 -23.62
CA PRO B 126 -5.87 7.46 -24.16
C PRO B 126 -4.67 7.47 -23.19
N GLU B 127 -3.67 6.66 -23.52
CA GLU B 127 -2.45 6.50 -22.72
C GLU B 127 -1.61 7.76 -22.75
N VAL B 128 -1.27 8.27 -21.58
CA VAL B 128 -0.47 9.48 -21.46
C VAL B 128 0.74 9.17 -20.60
N PRO B 129 1.85 9.90 -20.79
CA PRO B 129 3.01 9.71 -19.90
C PRO B 129 2.77 10.17 -18.45
N VAL B 130 3.07 9.29 -17.49
CA VAL B 130 2.93 9.59 -16.04
C VAL B 130 4.19 9.44 -15.18
N HIS B 131 5.20 8.72 -15.66
CA HIS B 131 6.47 8.65 -14.92
C HIS B 131 7.62 8.48 -15.86
N PHE B 132 8.76 9.03 -15.46
CA PHE B 132 10.01 8.90 -16.17
C PHE B 132 10.79 7.79 -15.49
N ASP B 133 10.95 6.68 -16.19
CA ASP B 133 11.57 5.49 -15.61
C ASP B 133 13.08 5.50 -15.81
N LYS B 134 13.51 5.88 -17.01
CA LYS B 134 14.92 5.93 -17.37
C LYS B 134 15.16 6.91 -18.51
N GLN C 16 20.07 -4.38 -9.94
CA GLN C 16 19.04 -3.34 -9.60
C GLN C 16 17.66 -3.98 -9.56
N ASP C 17 17.28 -4.58 -10.69
CA ASP C 17 15.95 -5.14 -10.91
C ASP C 17 15.54 -6.06 -9.76
N ARG C 18 16.36 -7.07 -9.48
CA ARG C 18 16.01 -8.10 -8.48
C ARG C 18 16.09 -7.64 -7.04
N MET C 19 17.00 -6.71 -6.75
CA MET C 19 17.09 -6.14 -5.40
C MET C 19 15.94 -5.16 -5.16
N TYR C 20 15.60 -4.38 -6.18
CA TYR C 20 14.43 -3.52 -6.17
C TYR C 20 13.15 -4.36 -6.03
N GLN C 21 13.04 -5.45 -6.77
CA GLN C 21 11.94 -6.43 -6.56
C GLN C 21 11.87 -6.86 -5.08
N ARG C 22 13.01 -7.18 -4.49
CA ARG C 22 13.03 -7.61 -3.11
C ARG C 22 12.61 -6.50 -2.15
N PHE C 23 12.90 -5.24 -2.50
CA PHE C 23 12.44 -4.09 -1.70
C PHE C 23 10.90 -4.03 -1.69
N LEU C 24 10.31 -4.17 -2.87
CA LEU C 24 8.87 -4.06 -3.02
C LEU C 24 8.20 -5.16 -2.22
N ARG C 25 8.71 -6.38 -2.36
CA ARG C 25 8.17 -7.53 -1.71
C ARG C 25 8.16 -7.35 -0.20
N GLN C 26 9.30 -6.99 0.37
CA GLN C 26 9.48 -6.88 1.81
C GLN C 26 8.83 -5.63 2.39
N HIS C 27 8.87 -4.52 1.66
CA HIS C 27 8.60 -3.21 2.29
C HIS C 27 7.52 -2.33 1.70
N VAL C 28 6.85 -2.76 0.64
CA VAL C 28 5.89 -1.88 -0.04
C VAL C 28 4.50 -2.52 -0.24
N ASP C 29 3.47 -1.84 0.28
CA ASP C 29 2.07 -2.20 0.10
C ASP C 29 1.24 -0.92 -0.10
N PRO C 30 1.06 -0.52 -1.37
CA PRO C 30 0.26 0.65 -1.70
C PRO C 30 -1.24 0.40 -1.81
N ASP C 31 -1.70 -0.83 -1.53
CA ASP C 31 -3.10 -1.18 -1.74
C ASP C 31 -3.87 -1.30 -0.41
N ALA C 32 -3.21 -1.02 0.72
CA ALA C 32 -3.87 -0.97 2.03
C ALA C 32 -3.06 -0.10 2.97
N THR C 33 -3.65 0.29 4.09
CA THR C 33 -2.91 1.03 5.10
C THR C 33 -2.68 0.19 6.33
N GLY C 34 -3.20 -1.02 6.32
CA GLY C 34 -2.92 -2.00 7.38
C GLY C 34 -3.01 -1.43 8.78
N GLY C 35 -1.90 -1.51 9.49
CA GLY C 35 -1.78 -0.88 10.80
C GLY C 35 -2.16 -1.71 12.01
N ASN C 36 -2.61 -2.95 11.81
CA ASN C 36 -3.04 -3.85 12.91
C ASN C 36 -2.24 -5.16 12.96
N ASP C 37 -2.32 -5.88 14.07
CA ASP C 37 -1.56 -7.12 14.26
C ASP C 37 -1.83 -8.15 13.15
N ALA C 38 -3.11 -8.32 12.81
CA ALA C 38 -3.54 -9.28 11.81
C ALA C 38 -2.95 -8.99 10.44
N TYR C 39 -2.91 -7.71 10.08
CA TYR C 39 -2.27 -7.30 8.85
C TYR C 39 -0.83 -7.79 8.80
N CYS C 40 -0.08 -7.58 9.87
CA CYS C 40 1.30 -8.03 9.95
C CYS C 40 1.38 -9.54 9.85
N ASN C 41 0.61 -10.24 10.68
CA ASN C 41 0.60 -11.70 10.62
C ASN C 41 0.35 -12.20 9.20
N LEU C 42 -0.55 -11.58 8.47
CA LEU C 42 -0.81 -12.00 7.09
C LEU C 42 0.32 -11.63 6.11
N MET C 43 0.73 -10.38 6.12
CA MET C 43 1.64 -9.91 5.09
C MET C 43 3.04 -10.46 5.29
N MET C 44 3.46 -10.60 6.53
CA MET C 44 4.77 -11.19 6.76
C MET C 44 4.85 -12.61 6.18
N GLN C 45 3.74 -13.35 6.22
CA GLN C 45 3.70 -14.74 5.74
C GLN C 45 3.64 -14.75 4.23
N ARG C 46 2.62 -14.07 3.73
CA ARG C 46 2.33 -13.96 2.30
C ARG C 46 3.47 -13.31 1.48
N ARG C 47 4.20 -12.36 2.07
CA ARG C 47 5.36 -11.75 1.40
C ARG C 47 6.70 -12.47 1.68
N LYS C 48 6.61 -13.71 2.16
CA LYS C 48 7.77 -14.64 2.33
C LYS C 48 8.80 -14.18 3.33
N MET C 49 8.37 -13.72 4.49
CA MET C 49 9.33 -13.33 5.51
C MET C 49 9.23 -14.22 6.74
N THR C 50 8.46 -15.31 6.62
CA THR C 50 8.34 -16.31 7.67
C THR C 50 8.61 -17.75 7.17
N SER C 51 9.06 -17.94 5.94
CA SER C 51 9.21 -19.28 5.42
C SER C 51 10.19 -20.12 6.26
N HIS C 52 11.47 -19.74 6.27
CA HIS C 52 12.51 -20.54 6.94
C HIS C 52 12.60 -20.28 8.44
N TYR C 53 12.39 -19.03 8.87
CA TYR C 53 12.22 -18.68 10.29
C TYR C 53 11.38 -17.38 10.39
N CYS C 54 11.01 -16.95 11.59
CA CYS C 54 10.27 -15.70 11.77
C CYS C 54 11.22 -14.50 11.69
N LYS C 55 11.05 -13.66 10.67
CA LYS C 55 11.80 -12.42 10.61
C LYS C 55 11.33 -11.54 11.75
N ARG C 56 12.29 -10.96 12.46
CA ARG C 56 12.06 -10.42 13.80
C ARG C 56 11.41 -9.05 13.81
N PHE C 57 11.80 -8.22 12.84
CA PHE C 57 11.24 -6.88 12.66
C PHE C 57 11.15 -6.52 11.18
N ASN C 58 10.09 -5.85 10.78
CA ASN C 58 9.94 -5.37 9.39
C ASN C 58 9.02 -4.17 9.30
N THR C 59 9.24 -3.30 8.31
CA THR C 59 8.36 -2.18 8.02
C THR C 59 7.75 -2.32 6.66
N PHE C 60 6.43 -2.16 6.57
CA PHE C 60 5.71 -2.00 5.27
C PHE C 60 5.36 -0.52 5.11
N ILE C 61 5.58 0.01 3.91
CA ILE C 61 5.32 1.39 3.59
C ILE C 61 4.05 1.49 2.76
N HIS C 62 3.10 2.33 3.17
CA HIS C 62 1.82 2.42 2.47
C HIS C 62 1.75 3.65 1.57
N GLU C 63 2.42 3.58 0.43
CA GLU C 63 2.51 4.71 -0.50
C GLU C 63 2.65 4.14 -1.88
N ASP C 64 2.32 4.93 -2.89
CA ASP C 64 2.50 4.53 -4.29
C ASP C 64 3.95 4.29 -4.60
N ILE C 65 4.22 3.34 -5.49
CA ILE C 65 5.59 2.93 -5.74
C ILE C 65 6.45 4.11 -6.14
N TRP C 66 5.88 5.05 -6.87
CA TRP C 66 6.64 6.11 -7.44
C TRP C 66 6.96 7.19 -6.43
N ASN C 67 6.07 7.43 -5.46
CA ASN C 67 6.39 8.36 -4.37
C ASN C 67 7.55 7.90 -3.52
N ILE C 68 7.67 6.60 -3.33
CA ILE C 68 8.75 6.02 -2.53
C ILE C 68 10.04 6.08 -3.31
N ARG C 69 9.96 5.79 -4.59
CA ARG C 69 11.13 5.94 -5.47
C ARG C 69 11.73 7.37 -5.48
N SER C 70 10.89 8.39 -5.46
CA SER C 70 11.42 9.75 -5.57
C SER C 70 12.20 10.19 -4.32
N ILE C 71 12.10 9.42 -3.23
CA ILE C 71 12.89 9.65 -2.02
C ILE C 71 14.38 9.53 -2.35
N CYS C 72 14.70 8.68 -3.31
CA CYS C 72 16.07 8.51 -3.80
C CYS C 72 16.67 9.83 -4.33
N SER C 73 15.82 10.75 -4.76
CA SER C 73 16.29 12.03 -5.26
C SER C 73 16.47 13.11 -4.17
N THR C 74 16.44 12.73 -2.88
CA THR C 74 16.75 13.66 -1.79
C THR C 74 18.25 13.66 -1.59
N SER C 75 18.76 14.53 -0.72
CA SER C 75 20.22 14.57 -0.41
C SER C 75 20.75 13.23 0.08
N ASN C 76 21.97 12.89 -0.31
CA ASN C 76 22.63 11.69 0.18
C ASN C 76 22.87 11.82 1.67
N ILE C 77 22.55 10.80 2.45
CA ILE C 77 22.93 10.79 3.85
C ILE C 77 23.57 9.45 4.17
N GLN C 78 24.04 9.30 5.40
CA GLN C 78 24.82 8.14 5.78
C GLN C 78 23.90 7.03 6.24
N CYS C 79 24.16 5.83 5.73
CA CYS C 79 23.50 4.60 6.18
C CYS C 79 24.14 4.02 7.44
N LYS C 80 23.45 3.10 8.11
CA LYS C 80 24.03 2.39 9.25
C LYS C 80 25.34 1.66 8.86
N ASN C 81 25.40 1.13 7.64
CA ASN C 81 26.61 0.48 7.11
C ASN C 81 27.79 1.44 6.77
N GLY C 82 27.57 2.75 6.84
CA GLY C 82 28.64 3.73 6.66
C GLY C 82 28.72 4.28 5.25
N GLN C 83 27.98 3.70 4.31
CA GLN C 83 27.93 4.21 2.94
C GLN C 83 27.10 5.49 2.88
N MET C 84 27.23 6.22 1.77
CA MET C 84 26.58 7.51 1.64
C MET C 84 25.47 7.44 0.60
N ASN C 85 24.83 6.29 0.44
CA ASN C 85 23.73 6.16 -0.47
C ASN C 85 22.32 6.02 0.19
N CYS C 86 22.16 6.63 1.37
CA CYS C 86 20.86 6.68 2.05
C CYS C 86 20.11 8.03 1.83
N HIS C 87 18.81 8.00 2.13
CA HIS C 87 17.90 9.08 1.88
C HIS C 87 16.75 9.02 2.85
N GLU C 88 16.29 10.19 3.28
CA GLU C 88 15.20 10.28 4.23
C GLU C 88 13.95 10.73 3.50
N GLY C 89 12.80 10.29 4.00
CA GLY C 89 11.51 10.74 3.52
C GLY C 89 10.48 10.40 4.56
N VAL C 90 9.27 10.97 4.43
CA VAL C 90 8.19 10.83 5.41
C VAL C 90 7.05 10.07 4.71
N VAL C 91 6.63 8.95 5.31
CA VAL C 91 5.68 8.03 4.66
C VAL C 91 4.81 7.35 5.71
N LYS C 92 3.62 6.92 5.29
CA LYS C 92 2.76 6.06 6.10
C LYS C 92 3.43 4.69 6.25
N VAL C 93 3.41 4.13 7.45
CA VAL C 93 3.97 2.82 7.69
C VAL C 93 3.12 1.97 8.65
N THR C 94 3.43 0.67 8.62
CA THR C 94 3.13 -0.27 9.70
C THR C 94 4.43 -0.94 10.01
N ASP C 95 4.85 -0.81 11.26
CA ASP C 95 6.06 -1.40 11.77
C ASP C 95 5.62 -2.69 12.46
N CYS C 96 6.26 -3.81 12.13
CA CYS C 96 5.85 -5.14 12.62
C CYS C 96 6.99 -5.73 13.41
N ARG C 97 6.67 -6.16 14.63
CA ARG C 97 7.66 -6.70 15.54
C ARG C 97 7.16 -8.03 16.09
N GLU C 98 8.05 -9.03 16.10
CA GLU C 98 7.68 -10.35 16.56
C GLU C 98 7.37 -10.35 18.05
N THR C 99 6.32 -11.08 18.45
CA THR C 99 5.80 -11.08 19.85
C THR C 99 6.67 -11.81 20.91
N GLY C 100 7.38 -12.87 20.54
CA GLY C 100 8.11 -13.66 21.55
C GLY C 100 7.37 -14.93 22.00
N SER C 101 6.06 -14.82 22.21
CA SER C 101 5.17 -15.99 22.19
C SER C 101 5.20 -16.68 20.81
N SER C 102 5.52 -15.90 19.77
CA SER C 102 5.68 -16.40 18.41
C SER C 102 6.71 -17.53 18.32
N ARG C 103 6.37 -18.57 17.56
CA ARG C 103 7.31 -19.66 17.26
C ARG C 103 7.03 -20.20 15.86
N ALA C 104 8.07 -20.33 15.06
CA ALA C 104 7.90 -20.80 13.69
C ALA C 104 7.29 -22.21 13.72
N PRO C 105 6.53 -22.60 12.69
CA PRO C 105 6.25 -21.77 11.53
C PRO C 105 5.03 -20.84 11.70
N ASN C 106 4.45 -20.77 12.89
CA ASN C 106 3.26 -19.91 13.11
C ASN C 106 3.63 -18.54 13.68
N CYS C 107 4.31 -17.75 12.86
CA CYS C 107 4.93 -16.49 13.29
C CYS C 107 3.88 -15.45 13.61
N ARG C 108 4.09 -14.69 14.68
CA ARG C 108 3.06 -13.77 15.20
C ARG C 108 3.70 -12.42 15.54
N TYR C 109 2.96 -11.34 15.28
CA TYR C 109 3.53 -10.00 15.19
C TYR C 109 2.70 -8.98 15.93
N ARG C 110 3.33 -7.90 16.38
CA ARG C 110 2.60 -6.71 16.89
C ARG C 110 2.81 -5.48 15.98
N ALA C 111 1.72 -4.85 15.58
CA ALA C 111 1.77 -3.68 14.69
C ALA C 111 1.86 -2.33 15.44
N MET C 112 2.80 -1.49 15.00
CA MET C 112 2.86 -0.10 15.41
C MET C 112 2.68 0.73 14.15
N ALA C 113 1.69 1.60 14.15
CA ALA C 113 1.29 2.35 12.98
C ALA C 113 1.49 3.85 13.16
N SER C 114 2.13 4.48 12.18
CA SER C 114 2.42 5.90 12.20
C SER C 114 2.62 6.39 10.78
N THR C 115 2.77 7.71 10.64
CA THR C 115 3.37 8.32 9.46
C THR C 115 4.65 8.97 9.96
N ARG C 116 5.80 8.49 9.47
CA ARG C 116 7.09 8.78 10.11
C ARG C 116 8.26 8.91 9.14
N ARG C 117 9.39 9.36 9.67
CA ARG C 117 10.60 9.47 8.89
C ARG C 117 11.17 8.07 8.72
N VAL C 118 11.46 7.73 7.48
CA VAL C 118 12.16 6.50 7.13
C VAL C 118 13.47 6.86 6.45
N VAL C 119 14.45 5.96 6.54
CA VAL C 119 15.69 6.09 5.80
C VAL C 119 15.82 4.86 4.92
N ILE C 120 16.14 5.04 3.65
CA ILE C 120 16.30 3.95 2.72
C ILE C 120 17.56 4.14 1.92
N ALA C 121 18.16 3.01 1.50
CA ALA C 121 19.31 3.00 0.61
C ALA C 121 18.83 2.80 -0.85
N CYS C 122 19.43 3.56 -1.77
CA CYS C 122 19.15 3.51 -3.20
C CYS C 122 20.45 3.21 -3.99
N GLU C 123 20.35 2.36 -5.01
CA GLU C 123 21.50 1.99 -5.86
C GLU C 123 21.04 1.84 -7.29
N GLY C 124 21.96 2.02 -8.23
CA GLY C 124 21.73 1.67 -9.60
C GLY C 124 21.65 2.88 -10.52
N ASN C 125 21.43 2.59 -11.79
CA ASN C 125 21.31 3.56 -12.84
C ASN C 125 20.08 3.23 -13.67
N PRO C 126 18.98 3.93 -13.45
CA PRO C 126 18.84 4.98 -12.44
C PRO C 126 18.71 4.42 -11.02
N GLU C 127 18.83 5.31 -10.05
CA GLU C 127 18.82 4.93 -8.64
C GLU C 127 17.42 4.59 -8.14
N VAL C 128 17.32 3.46 -7.45
CA VAL C 128 16.06 2.88 -7.01
C VAL C 128 16.24 2.29 -5.62
N PRO C 129 15.15 2.16 -4.85
CA PRO C 129 15.20 1.66 -3.46
C PRO C 129 15.68 0.20 -3.34
N VAL C 130 16.73 -0.06 -2.57
CA VAL C 130 17.17 -1.45 -2.37
C VAL C 130 17.27 -1.93 -0.93
N HIS C 131 17.18 -1.03 0.04
CA HIS C 131 17.32 -1.42 1.46
C HIS C 131 16.54 -0.47 2.35
N PHE C 132 15.90 -1.05 3.35
CA PHE C 132 15.26 -0.27 4.36
C PHE C 132 16.30 -0.12 5.45
N ASP C 133 16.65 1.10 5.79
CA ASP C 133 17.66 1.33 6.79
C ASP C 133 17.08 1.60 8.16
N LYS C 134 16.07 2.49 8.24
CA LYS C 134 15.49 2.89 9.51
C LYS C 134 14.04 3.35 9.36
N GLN D 16 -7.00 18.86 37.07
CA GLN D 16 -6.32 18.88 35.74
C GLN D 16 -6.76 17.68 34.90
N ASP D 17 -6.16 17.49 33.72
CA ASP D 17 -6.50 16.35 32.86
C ASP D 17 -5.81 15.08 33.33
N ARG D 18 -6.37 13.94 32.94
CA ARG D 18 -5.83 12.63 33.29
C ARG D 18 -6.10 11.59 32.18
N MET D 19 -5.79 10.34 32.50
CA MET D 19 -5.84 9.26 31.54
C MET D 19 -7.28 8.91 31.16
N TYR D 20 -8.22 9.03 32.12
CA TYR D 20 -9.65 8.80 31.88
C TYR D 20 -10.20 9.80 30.86
N GLN D 21 -9.93 11.07 31.09
CA GLN D 21 -10.35 12.16 30.18
C GLN D 21 -9.79 11.91 28.78
N ARG D 22 -8.56 11.36 28.71
CA ARG D 22 -7.94 11.02 27.43
C ARG D 22 -8.78 9.99 26.70
N PHE D 23 -9.29 9.01 27.44
CA PHE D 23 -10.16 7.96 26.89
C PHE D 23 -11.51 8.52 26.43
N LEU D 24 -12.11 9.43 27.21
CA LEU D 24 -13.33 10.09 26.75
C LEU D 24 -13.04 10.81 25.43
N ARG D 25 -11.98 11.60 25.42
CA ARG D 25 -11.61 12.36 24.24
C ARG D 25 -11.39 11.47 23.00
N GLN D 26 -10.68 10.36 23.18
CA GLN D 26 -10.34 9.51 22.03
C GLN D 26 -11.49 8.60 21.62
N HIS D 27 -12.29 8.13 22.59
CA HIS D 27 -13.12 6.95 22.35
C HIS D 27 -14.63 7.07 22.64
N VAL D 28 -15.11 8.24 23.03
CA VAL D 28 -16.51 8.36 23.52
C VAL D 28 -17.30 9.48 22.83
N ASP D 29 -18.37 9.10 22.15
CA ASP D 29 -19.30 10.04 21.51
C ASP D 29 -20.76 9.58 21.61
N PRO D 30 -21.46 9.95 22.72
CA PRO D 30 -22.89 9.64 22.84
C PRO D 30 -23.77 10.54 21.95
N ASP D 31 -23.21 11.63 21.44
CA ASP D 31 -23.99 12.61 20.70
C ASP D 31 -24.29 12.22 19.26
N ALA D 32 -23.83 11.04 18.84
CA ALA D 32 -24.27 10.45 17.58
C ALA D 32 -24.35 8.92 17.69
N THR D 33 -24.82 8.28 16.63
CA THR D 33 -25.19 6.86 16.66
C THR D 33 -24.34 5.99 15.73
N GLY D 34 -23.98 6.58 14.59
CA GLY D 34 -22.99 6.01 13.70
C GLY D 34 -22.46 7.15 12.87
N GLY D 35 -21.41 6.89 12.10
CA GLY D 35 -20.84 7.90 11.26
C GLY D 35 -20.76 7.43 9.83
N ASN D 36 -20.57 8.41 8.95
CA ASN D 36 -20.07 8.21 7.60
C ASN D 36 -18.61 8.75 7.57
N ASP D 37 -17.97 8.78 6.41
CA ASP D 37 -16.56 9.20 6.32
C ASP D 37 -16.35 10.60 6.96
N ALA D 38 -17.21 11.54 6.61
CA ALA D 38 -17.19 12.92 7.10
C ALA D 38 -17.20 12.99 8.61
N TYR D 39 -17.99 12.14 9.27
CA TYR D 39 -17.93 12.01 10.71
C TYR D 39 -16.48 11.75 11.17
N CYS D 40 -15.84 10.73 10.59
CA CYS D 40 -14.48 10.36 11.00
C CYS D 40 -13.49 11.50 10.75
N ASN D 41 -13.49 12.03 9.54
CA ASN D 41 -12.57 13.10 9.15
C ASN D 41 -12.64 14.29 10.11
N LEU D 42 -13.84 14.63 10.54
CA LEU D 42 -14.03 15.77 11.43
C LEU D 42 -13.65 15.44 12.85
N MET D 43 -14.18 14.30 13.34
CA MET D 43 -14.00 13.92 14.74
C MET D 43 -12.54 13.61 15.03
N MET D 44 -11.83 12.94 14.12
CA MET D 44 -10.41 12.63 14.37
C MET D 44 -9.61 13.89 14.57
N GLN D 45 -9.93 14.91 13.77
CA GLN D 45 -9.30 16.20 13.87
C GLN D 45 -9.70 16.96 15.14
N ARG D 46 -11.01 17.08 15.36
CA ARG D 46 -11.59 17.79 16.55
C ARG D 46 -11.12 17.22 17.86
N ARG D 47 -10.92 15.90 17.92
CA ARG D 47 -10.53 15.24 19.19
C ARG D 47 -9.02 15.03 19.23
N LYS D 48 -8.28 15.80 18.45
CA LYS D 48 -6.82 15.86 18.59
C LYS D 48 -6.12 14.52 18.38
N MET D 49 -6.53 13.79 17.36
CA MET D 49 -5.85 12.55 17.00
C MET D 49 -5.23 12.70 15.61
N THR D 50 -5.05 13.94 15.16
CA THR D 50 -4.37 14.21 13.88
C THR D 50 -3.32 15.32 13.95
N SER D 51 -3.01 15.82 15.14
CA SER D 51 -2.15 17.00 15.32
C SER D 51 -0.76 16.93 14.66
N HIS D 52 -0.07 15.80 14.82
CA HIS D 52 1.30 15.66 14.26
C HIS D 52 1.35 14.68 13.10
N TYR D 53 0.71 13.52 13.29
CA TYR D 53 0.42 12.64 12.17
C TYR D 53 -0.95 12.02 12.37
N CYS D 54 -1.53 11.52 11.29
CA CYS D 54 -2.86 10.89 11.31
C CYS D 54 -2.82 9.59 12.12
N LYS D 55 -3.71 9.46 13.09
CA LYS D 55 -3.81 8.20 13.85
C LYS D 55 -4.41 7.15 12.91
N ARG D 56 -3.77 5.98 12.79
CA ARG D 56 -4.12 5.04 11.68
C ARG D 56 -5.53 4.46 11.83
N PHE D 57 -5.91 4.11 13.05
CA PHE D 57 -7.17 3.46 13.31
C PHE D 57 -7.75 3.97 14.61
N ASN D 58 -9.07 4.21 14.66
CA ASN D 58 -9.69 4.64 15.93
C ASN D 58 -11.15 4.26 16.07
N THR D 59 -11.55 3.95 17.30
CA THR D 59 -12.92 3.58 17.61
C THR D 59 -13.62 4.64 18.48
N PHE D 60 -14.76 5.15 18.01
CA PHE D 60 -15.64 5.99 18.86
C PHE D 60 -16.81 5.15 19.35
N ILE D 61 -17.03 5.12 20.66
CA ILE D 61 -18.14 4.36 21.24
C ILE D 61 -19.36 5.26 21.42
N HIS D 62 -20.50 4.85 20.86
CA HIS D 62 -21.75 5.62 20.98
C HIS D 62 -22.63 5.08 22.12
N GLU D 63 -22.32 5.47 23.34
CA GLU D 63 -23.08 5.07 24.52
C GLU D 63 -23.03 6.19 25.54
N ASP D 64 -23.98 6.21 26.46
CA ASP D 64 -23.92 7.11 27.62
C ASP D 64 -22.70 6.78 28.47
N ILE D 65 -22.12 7.81 29.11
CA ILE D 65 -20.88 7.66 29.88
C ILE D 65 -21.07 6.65 31.01
N TRP D 66 -22.20 6.74 31.72
CA TRP D 66 -22.54 5.79 32.79
C TRP D 66 -22.53 4.33 32.32
N ASN D 67 -23.10 4.07 31.13
CA ASN D 67 -23.12 2.72 30.55
C ASN D 67 -21.72 2.17 30.29
N ILE D 68 -20.84 3.02 29.74
CA ILE D 68 -19.48 2.60 29.39
C ILE D 68 -18.69 2.31 30.67
N ARG D 69 -18.82 3.19 31.67
CA ARG D 69 -18.12 3.07 32.94
C ARG D 69 -18.47 1.81 33.73
N SER D 70 -19.71 1.35 33.60
CA SER D 70 -20.14 0.11 34.25
C SER D 70 -19.37 -1.11 33.72
N ILE D 71 -18.87 -1.02 32.49
CA ILE D 71 -18.07 -2.11 31.90
C ILE D 71 -16.82 -2.43 32.73
N CYS D 72 -16.38 -1.49 33.57
CA CYS D 72 -15.32 -1.80 34.54
C CYS D 72 -15.75 -2.82 35.61
N SER D 73 -17.05 -2.87 35.94
CA SER D 73 -17.56 -3.80 36.97
C SER D 73 -17.67 -5.26 36.53
N THR D 74 -17.60 -5.52 35.23
CA THR D 74 -17.57 -6.89 34.69
C THR D 74 -16.31 -7.64 35.17
N SER D 75 -16.39 -8.97 35.18
CA SER D 75 -15.27 -9.80 35.62
C SER D 75 -14.11 -9.68 34.64
N ASN D 76 -12.88 -9.84 35.16
CA ASN D 76 -11.66 -9.49 34.44
C ASN D 76 -11.29 -10.41 33.28
N ILE D 77 -10.35 -9.97 32.46
CA ILE D 77 -9.83 -10.76 31.34
C ILE D 77 -8.41 -10.29 31.01
N GLN D 78 -7.70 -11.05 30.18
CA GLN D 78 -6.34 -10.71 29.76
C GLN D 78 -6.31 -9.58 28.73
N CYS D 79 -5.43 -8.61 28.96
CA CYS D 79 -5.18 -7.55 27.97
C CYS D 79 -4.12 -8.00 26.97
N LYS D 80 -3.96 -7.23 25.91
CA LYS D 80 -2.98 -7.51 24.84
C LYS D 80 -1.53 -7.41 25.35
N ASN D 81 -1.32 -6.64 26.40
CA ASN D 81 0.00 -6.56 27.04
C ASN D 81 0.22 -7.62 28.14
N GLY D 82 -0.81 -8.45 28.38
CA GLY D 82 -0.74 -9.51 29.38
C GLY D 82 -1.08 -9.07 30.80
N GLN D 83 -1.65 -7.88 30.96
CA GLN D 83 -2.19 -7.47 32.26
C GLN D 83 -3.59 -8.03 32.42
N MET D 84 -4.10 -7.96 33.65
CA MET D 84 -5.41 -8.52 33.99
C MET D 84 -6.36 -7.44 34.51
N ASN D 85 -6.40 -6.29 33.85
CA ASN D 85 -7.35 -5.23 34.20
C ASN D 85 -8.31 -4.90 33.05
N CYS D 86 -8.46 -5.82 32.10
CA CYS D 86 -9.37 -5.63 30.96
C CYS D 86 -10.77 -6.16 31.25
N HIS D 87 -11.73 -5.67 30.49
CA HIS D 87 -13.14 -5.99 30.66
C HIS D 87 -13.84 -5.93 29.30
N GLU D 88 -14.59 -6.97 28.95
CA GLU D 88 -15.34 -7.01 27.69
C GLU D 88 -16.72 -6.36 27.88
N GLY D 89 -17.37 -6.02 26.77
CA GLY D 89 -18.68 -5.39 26.77
C GLY D 89 -19.04 -5.13 25.32
N VAL D 90 -20.34 -5.12 25.02
CA VAL D 90 -20.80 -4.90 23.64
C VAL D 90 -21.50 -3.55 23.60
N VAL D 91 -21.19 -2.77 22.56
CA VAL D 91 -21.64 -1.38 22.43
C VAL D 91 -21.77 -1.01 20.96
N LYS D 92 -22.54 0.03 20.68
CA LYS D 92 -22.49 0.70 19.37
C LYS D 92 -21.16 1.49 19.24
N VAL D 93 -20.57 1.50 18.04
CA VAL D 93 -19.30 2.21 17.79
C VAL D 93 -19.21 2.73 16.35
N THR D 94 -18.26 3.61 16.08
CA THR D 94 -17.80 3.83 14.70
C THR D 94 -16.31 3.58 14.69
N ASP D 95 -15.84 2.80 13.73
CA ASP D 95 -14.41 2.58 13.60
C ASP D 95 -14.00 3.39 12.40
N CYS D 96 -12.85 4.07 12.51
CA CYS D 96 -12.34 4.92 11.46
C CYS D 96 -10.98 4.37 11.03
N ARG D 97 -10.81 4.17 9.73
CA ARG D 97 -9.59 3.61 9.20
C ARG D 97 -8.97 4.56 8.19
N GLU D 98 -7.72 4.97 8.40
CA GLU D 98 -7.04 5.89 7.48
C GLU D 98 -7.03 5.30 6.06
N THR D 99 -7.33 6.11 5.06
CA THR D 99 -7.34 5.70 3.65
C THR D 99 -6.07 6.12 2.96
N GLY D 100 -5.88 5.66 1.73
CA GLY D 100 -4.66 5.93 0.95
C GLY D 100 -4.44 7.38 0.54
N SER D 101 -5.54 8.12 0.34
CA SER D 101 -5.46 9.54 -0.02
C SER D 101 -5.19 10.46 1.19
N SER D 102 -5.14 9.89 2.39
CA SER D 102 -4.90 10.66 3.63
C SER D 102 -3.51 11.24 3.66
N ARG D 103 -3.38 12.47 4.17
CA ARG D 103 -2.10 13.18 4.26
C ARG D 103 -2.23 14.44 5.11
N ALA D 104 -1.57 14.44 6.26
CA ALA D 104 -1.60 15.58 7.16
C ALA D 104 -1.19 16.86 6.40
N PRO D 105 -1.86 17.98 6.64
CA PRO D 105 -2.90 18.12 7.66
C PRO D 105 -4.31 17.70 7.21
N ASN D 106 -4.45 17.04 6.07
CA ASN D 106 -5.77 16.59 5.58
C ASN D 106 -5.88 15.08 5.73
N CYS D 107 -6.07 14.64 6.96
CA CYS D 107 -6.25 13.23 7.25
C CYS D 107 -7.65 12.80 6.79
N ARG D 108 -7.75 11.57 6.31
CA ARG D 108 -8.95 11.06 5.66
C ARG D 108 -9.18 9.62 6.08
N TYR D 109 -10.42 9.31 6.41
CA TYR D 109 -10.77 8.02 6.96
C TYR D 109 -11.97 7.41 6.26
N ARG D 110 -12.11 6.11 6.46
CA ARG D 110 -13.21 5.33 5.95
C ARG D 110 -13.94 4.84 7.20
N ALA D 111 -15.21 5.21 7.34
CA ALA D 111 -15.99 4.84 8.51
C ALA D 111 -16.56 3.43 8.38
N MET D 112 -16.82 2.82 9.53
CA MET D 112 -17.62 1.61 9.65
C MET D 112 -18.46 1.75 10.90
N ALA D 113 -19.77 1.94 10.73
CA ALA D 113 -20.67 2.00 11.87
C ALA D 113 -21.18 0.58 12.15
N SER D 114 -21.14 0.15 13.42
CA SER D 114 -21.63 -1.17 13.81
C SER D 114 -21.78 -1.32 15.31
N THR D 115 -22.36 -2.44 15.73
CA THR D 115 -22.45 -2.83 17.15
C THR D 115 -21.56 -4.07 17.36
N ARG D 116 -20.72 -4.10 18.39
CA ARG D 116 -19.73 -5.18 18.52
C ARG D 116 -19.08 -5.21 19.89
N ARG D 117 -18.30 -6.27 20.15
CA ARG D 117 -17.59 -6.43 21.41
C ARG D 117 -16.33 -5.59 21.40
N VAL D 118 -16.03 -4.98 22.54
CA VAL D 118 -14.85 -4.14 22.71
C VAL D 118 -14.25 -4.50 24.04
N VAL D 119 -12.96 -4.21 24.20
CA VAL D 119 -12.24 -4.51 25.42
C VAL D 119 -11.55 -3.26 25.90
N ILE D 120 -11.64 -2.97 27.20
CA ILE D 120 -11.09 -1.74 27.75
C ILE D 120 -10.31 -2.05 29.01
N ALA D 121 -9.22 -1.33 29.23
CA ALA D 121 -8.47 -1.46 30.48
C ALA D 121 -8.99 -0.40 31.46
N CYS D 122 -9.37 -0.85 32.66
CA CYS D 122 -9.89 0.03 33.70
C CYS D 122 -8.89 0.13 34.85
N GLU D 123 -8.77 1.32 35.43
CA GLU D 123 -7.75 1.59 36.44
C GLU D 123 -8.17 2.70 37.41
N GLY D 124 -7.71 2.60 38.66
CA GLY D 124 -8.04 3.57 39.72
C GLY D 124 -9.17 3.07 40.62
N ASN D 125 -9.50 3.87 41.64
CA ASN D 125 -10.68 3.60 42.47
C ASN D 125 -11.54 4.87 42.65
N PRO D 126 -12.80 4.84 42.21
CA PRO D 126 -13.37 3.69 41.48
C PRO D 126 -12.64 3.38 40.17
N GLU D 127 -12.79 2.14 39.71
CA GLU D 127 -12.22 1.70 38.44
C GLU D 127 -12.86 2.47 37.30
N VAL D 128 -12.01 3.10 36.49
CA VAL D 128 -12.46 3.97 35.41
C VAL D 128 -11.72 3.58 34.11
N PRO D 129 -12.43 3.62 32.96
CA PRO D 129 -11.77 3.25 31.70
C PRO D 129 -10.57 4.14 31.31
N VAL D 130 -9.42 3.53 31.03
CA VAL D 130 -8.20 4.27 30.66
C VAL D 130 -7.54 3.91 29.32
N HIS D 131 -7.80 2.73 28.76
CA HIS D 131 -7.28 2.34 27.45
C HIS D 131 -8.31 1.54 26.66
N PHE D 132 -8.22 1.62 25.34
CA PHE D 132 -9.05 0.82 24.45
C PHE D 132 -8.17 -0.25 23.85
N ASP D 133 -8.36 -1.48 24.29
CA ASP D 133 -7.50 -2.59 23.92
C ASP D 133 -7.86 -3.18 22.56
N LYS D 134 -9.15 -3.46 22.35
CA LYS D 134 -9.64 -3.96 21.07
C LYS D 134 -11.13 -3.71 20.94
#